data_9M12
#
_entry.id   9M12
#
_cell.length_a   45.890
_cell.length_b   44.980
_cell.length_c   128.710
_cell.angle_alpha   90.000
_cell.angle_beta   94.819
_cell.angle_gamma   90.000
#
_symmetry.space_group_name_H-M   'P 1 21 1'
#
loop_
_entity.id
_entity.type
_entity.pdbx_description
1 polymer 'Vitamin D3 receptor'
2 polymer 'Mediator of RNA polymerase II transcription subunit 1'
3 non-polymer '(4~{S})-5-[2-ethyl-4-[[3-ethyl-4-(2-ethyl-2-oxidanyl-butoxy)phenyl]-dimethyl-silyl]phenoxy]-4-oxidanyl-pentanoic acid'
4 water water
#
loop_
_entity_poly.entity_id
_entity_poly.type
_entity_poly.pdbx_seq_one_letter_code
_entity_poly.pdbx_strand_id
1 'polypeptide(L)'
;GSHMGSPNSPLKDSLRPKLSEEQQHIIAILLDAHHKTYDPTYADFRDFRPPVRMDGSTGSVTLDLSPLSMLPHLADLVSY
SIQKVIGFAKMIPGFRDLTSDDQIVLLKSSAIEVIMLRSNQSFTMDDMSWDCGSQDYKYDVTDVSKAGHTLELIEPLIKF
QVGLKKLNLHEEEHVLLMAICIVSPDRPGVQDAKLVEAIQDRLSNTLQTYIRCRHPPPGSHQLYAKMIQKLADLRSLNEE
HSKQYRSLSFQPENSMKLTPLVLEVFGNEIS
;
A,B
2 'polypeptide(L)' KNHPMLMNLLKDN C,D
#
loop_
_chem_comp.id
_chem_comp.type
_chem_comp.name
_chem_comp.formula
A1L7Z non-polymer '(4~{S})-5-[2-ethyl-4-[[3-ethyl-4-(2-ethyl-2-oxidanyl-butoxy)phenyl]-dimethyl-silyl]phenoxy]-4-oxidanyl-pentanoic acid' 'C29 H44 O6 Si'
#
# COMPACT_ATOMS: atom_id res chain seq x y z
N LYS A 18 20.81 -9.78 41.32
CA LYS A 18 21.85 -8.78 41.67
C LYS A 18 21.67 -7.58 40.74
N LEU A 19 20.49 -7.43 40.16
CA LEU A 19 20.19 -6.28 39.31
C LEU A 19 20.02 -5.04 40.17
N SER A 20 20.66 -3.95 39.77
CA SER A 20 20.43 -2.68 40.44
C SER A 20 18.99 -2.21 40.19
N GLU A 21 18.57 -1.22 40.98
CA GLU A 21 17.27 -0.61 40.73
C GLU A 21 17.18 -0.05 39.32
N GLU A 22 18.24 0.61 38.86
CA GLU A 22 18.26 1.17 37.51
C GLU A 22 18.13 0.08 36.45
N GLN A 23 18.81 -1.05 36.64
CA GLN A 23 18.71 -2.15 35.68
C GLN A 23 17.30 -2.75 35.69
N GLN A 24 16.71 -2.93 36.87
CA GLN A 24 15.33 -3.40 36.96
C GLN A 24 14.39 -2.42 36.27
N HIS A 25 14.61 -1.12 36.48
CA HIS A 25 13.83 -0.07 35.83
C HIS A 25 13.88 -0.19 34.32
N ILE A 26 15.08 -0.38 33.77
CA ILE A 26 15.24 -0.56 32.33
C ILE A 26 14.46 -1.77 31.85
N ILE A 27 14.58 -2.90 32.55
CA ILE A 27 13.86 -4.11 32.14
C ILE A 27 12.36 -3.89 32.21
N ALA A 28 11.89 -3.25 33.28
CA ALA A 28 10.45 -3.00 33.44
C ALA A 28 9.90 -2.16 32.29
N ILE A 29 10.64 -1.13 31.87
CA ILE A 29 10.18 -0.29 30.77
C ILE A 29 10.12 -1.09 29.48
N LEU A 30 11.13 -1.94 29.23
CA LEU A 30 11.17 -2.68 27.97
C LEU A 30 10.09 -3.77 27.92
N LEU A 31 9.86 -4.45 29.05
CA LEU A 31 8.78 -5.42 29.10
C LEU A 31 7.43 -4.76 28.84
N ASP A 32 7.21 -3.59 29.46
CA ASP A 32 5.98 -2.84 29.19
C ASP A 32 5.87 -2.46 27.73
N ALA A 33 6.97 -1.96 27.15
CA ALA A 33 6.94 -1.55 25.75
C ALA A 33 6.66 -2.72 24.82
N HIS A 34 7.26 -3.88 25.11
CA HIS A 34 7.03 -5.06 24.29
C HIS A 34 5.58 -5.52 24.40
N HIS A 35 5.06 -5.61 25.63
CA HIS A 35 3.69 -6.07 25.82
C HIS A 35 2.68 -5.15 25.17
N LYS A 36 3.01 -3.85 25.03
CA LYS A 36 2.11 -2.92 24.36
C LYS A 36 2.18 -3.07 22.84
N THR A 37 3.28 -3.56 22.30
CA THR A 37 3.49 -3.59 20.85
C THR A 37 3.50 -5.00 20.28
N TYR A 38 3.04 -6.00 21.03
CA TYR A 38 2.99 -7.37 20.53
C TYR A 38 1.69 -7.99 21.02
N ASP A 39 0.84 -8.41 20.08
CA ASP A 39 -0.42 -9.06 20.39
C ASP A 39 -0.31 -10.55 20.05
N PRO A 40 -0.25 -11.44 21.04
CA PRO A 40 -0.05 -12.87 20.75
C PRO A 40 -1.26 -13.59 20.19
N THR A 41 -2.42 -12.94 20.10
CA THR A 41 -3.57 -13.58 19.47
C THR A 41 -3.55 -13.46 17.95
N TYR A 42 -2.71 -12.58 17.40
CA TYR A 42 -2.59 -12.38 15.96
C TYR A 42 -3.93 -11.97 15.35
N ALA A 43 -4.67 -11.15 16.09
CA ALA A 43 -6.01 -10.76 15.65
C ALA A 43 -5.96 -9.89 14.39
N ASP A 44 -4.99 -8.97 14.31
CA ASP A 44 -4.94 -8.04 13.20
C ASP A 44 -4.55 -8.71 11.88
N PHE A 45 -4.09 -9.96 11.91
CA PHE A 45 -3.69 -10.62 10.67
C PHE A 45 -4.86 -10.81 9.71
N ARG A 46 -6.08 -10.82 10.24
CA ARG A 46 -7.26 -10.94 9.37
C ARG A 46 -7.48 -9.65 8.59
N ASP A 47 -6.78 -8.55 8.93
CA ASP A 47 -6.94 -7.28 8.26
C ASP A 47 -5.99 -7.11 7.08
N PHE A 48 -5.02 -8.01 6.91
CA PHE A 48 -4.09 -7.90 5.79
C PHE A 48 -4.77 -8.37 4.50
N ARG A 49 -4.13 -8.07 3.38
CA ARG A 49 -4.49 -8.75 2.15
C ARG A 49 -4.28 -10.25 2.34
N PRO A 50 -5.20 -11.10 1.86
CA PRO A 50 -5.17 -12.50 2.26
C PRO A 50 -3.97 -13.22 1.65
N PRO A 51 -3.46 -14.24 2.33
CA PRO A 51 -2.42 -15.07 1.71
C PRO A 51 -2.98 -15.82 0.52
N VAL A 52 -2.13 -16.20 -0.49
CA VAL A 52 -2.63 -16.99 -1.66
C VAL A 52 -1.57 -18.02 -2.04
N ARG A 53 -1.71 -19.31 -1.94
CA ARG A 53 -0.45 -19.98 -2.34
C ARG A 53 -0.56 -20.40 -3.81
N MET A 54 -0.07 -19.58 -4.77
CA MET A 54 -0.24 -19.96 -6.16
C MET A 54 0.97 -19.56 -7.00
N SER A 66 0.73 -17.34 -10.60
N SER A 66 0.74 -17.34 -10.60
CA SER A 66 1.16 -15.95 -10.56
CA SER A 66 1.18 -15.95 -10.62
C SER A 66 2.41 -15.82 -9.69
C SER A 66 2.38 -15.76 -9.69
N PRO A 67 3.46 -15.16 -10.17
CA PRO A 67 4.62 -14.94 -9.30
C PRO A 67 4.30 -13.96 -8.18
N LEU A 68 5.00 -14.14 -7.07
CA LEU A 68 4.91 -13.24 -5.91
C LEU A 68 3.51 -13.22 -5.31
N SER A 69 2.85 -14.39 -5.27
CA SER A 69 1.48 -14.44 -4.78
C SER A 69 1.39 -14.18 -3.27
N MET A 70 2.49 -14.30 -2.54
CA MET A 70 2.50 -14.02 -1.10
C MET A 70 3.09 -12.67 -0.76
N LEU A 71 3.48 -11.88 -1.76
CA LEU A 71 4.06 -10.57 -1.50
C LEU A 71 3.04 -9.58 -0.92
N PRO A 72 1.79 -9.52 -1.41
CA PRO A 72 0.82 -8.60 -0.77
C PRO A 72 0.59 -8.90 0.70
N HIS A 73 0.38 -10.18 1.05
CA HIS A 73 0.14 -10.53 2.45
C HIS A 73 1.37 -10.26 3.31
N LEU A 74 2.54 -10.72 2.84
CA LEU A 74 3.75 -10.58 3.64
C LEU A 74 4.24 -9.14 3.69
N ALA A 75 3.95 -8.33 2.67
CA ALA A 75 4.26 -6.90 2.77
C ALA A 75 3.39 -6.24 3.83
N ASP A 76 2.11 -6.59 3.88
CA ASP A 76 1.24 -6.07 4.93
C ASP A 76 1.71 -6.51 6.30
N LEU A 77 2.16 -7.76 6.42
CA LEU A 77 2.67 -8.24 7.70
C LEU A 77 3.93 -7.48 8.12
N VAL A 78 4.86 -7.28 7.18
CA VAL A 78 6.07 -6.54 7.50
C VAL A 78 5.75 -5.09 7.83
N SER A 79 4.82 -4.49 7.08
CA SER A 79 4.45 -3.09 7.33
C SER A 79 3.86 -2.92 8.73
N TYR A 80 2.93 -3.79 9.09
CA TYR A 80 2.37 -3.84 10.44
C TYR A 80 3.48 -3.96 11.48
N SER A 81 4.48 -4.82 11.22
CA SER A 81 5.55 -5.05 12.18
C SER A 81 6.45 -3.84 12.33
N ILE A 82 6.72 -3.13 11.23
CA ILE A 82 7.50 -1.89 11.32
C ILE A 82 6.85 -0.92 12.30
N GLN A 83 5.52 -0.80 12.24
CA GLN A 83 4.81 0.04 13.20
C GLN A 83 5.08 -0.40 14.63
N LYS A 84 5.09 -1.71 14.85
CA LYS A 84 5.36 -2.23 16.21
C LYS A 84 6.82 -1.88 16.60
N VAL A 85 7.78 -2.08 15.71
CA VAL A 85 9.17 -1.76 16.03
C VAL A 85 9.32 -0.30 16.42
N ILE A 86 8.67 0.60 15.69
CA ILE A 86 8.72 2.02 16.02
C ILE A 86 8.12 2.27 17.39
N GLY A 87 6.99 1.62 17.69
CA GLY A 87 6.37 1.81 19.00
C GLY A 87 7.23 1.30 20.14
N PHE A 88 7.95 0.20 19.91
CA PHE A 88 8.87 -0.32 20.93
C PHE A 88 10.08 0.61 21.10
N ALA A 89 10.67 1.04 19.98
CA ALA A 89 11.89 1.85 20.04
C ALA A 89 11.65 3.17 20.74
N LYS A 90 10.47 3.76 20.58
N LYS A 90 10.46 3.75 20.60
CA LYS A 90 10.20 5.05 21.22
CA LYS A 90 10.18 5.04 21.21
C LYS A 90 10.14 4.96 22.73
C LYS A 90 10.14 4.96 22.73
N MET A 91 10.03 3.76 23.29
CA MET A 91 10.03 3.57 24.74
C MET A 91 11.41 3.22 25.30
N ILE A 92 12.39 2.94 24.45
CA ILE A 92 13.75 2.66 24.93
C ILE A 92 14.26 3.91 25.63
N PRO A 93 14.69 3.82 26.89
CA PRO A 93 15.12 5.02 27.61
C PRO A 93 16.24 5.73 26.87
N GLY A 94 16.04 7.01 26.59
CA GLY A 94 17.00 7.81 25.88
C GLY A 94 16.78 7.92 24.38
N PHE A 95 16.06 6.98 23.77
CA PHE A 95 15.92 6.96 22.31
C PHE A 95 15.27 8.24 21.80
N ARG A 96 14.16 8.66 22.42
N ARG A 96 14.15 8.65 22.42
CA ARG A 96 13.49 9.87 21.99
CA ARG A 96 13.48 9.88 21.98
C ARG A 96 14.29 11.13 22.30
C ARG A 96 14.30 11.13 22.28
N ASP A 97 15.38 11.03 23.06
CA ASP A 97 16.24 12.16 23.35
C ASP A 97 17.39 12.30 22.36
N LEU A 98 17.49 11.41 21.38
CA LEU A 98 18.37 11.59 20.24
C LEU A 98 17.73 12.54 19.23
N THR A 99 18.54 13.04 18.30
CA THR A 99 17.96 13.86 17.24
C THR A 99 17.02 12.99 16.40
N SER A 100 16.03 13.65 15.79
N SER A 100 16.03 13.64 15.78
CA SER A 100 15.09 12.94 14.93
CA SER A 100 15.09 12.91 14.94
C SER A 100 15.82 12.24 13.78
C SER A 100 15.81 12.24 13.78
N ASP A 101 16.87 12.86 13.25
CA ASP A 101 17.64 12.24 12.18
C ASP A 101 18.26 10.92 12.63
N ASP A 102 18.89 10.91 13.80
CA ASP A 102 19.51 9.68 14.28
C ASP A 102 18.45 8.64 14.61
N GLN A 103 17.31 9.07 15.17
CA GLN A 103 16.21 8.14 15.38
C GLN A 103 15.78 7.48 14.08
N ILE A 104 15.68 8.27 13.01
CA ILE A 104 15.24 7.74 11.72
C ILE A 104 16.29 6.77 11.17
N VAL A 105 17.56 7.16 11.23
CA VAL A 105 18.62 6.29 10.74
C VAL A 105 18.64 4.97 11.49
N LEU A 106 18.49 5.02 12.81
CA LEU A 106 18.52 3.79 13.61
C LEU A 106 17.36 2.87 13.28
N LEU A 107 16.17 3.43 13.07
CA LEU A 107 15.01 2.61 12.77
C LEU A 107 15.08 2.04 11.35
N LYS A 108 15.49 2.85 10.39
CA LYS A 108 15.61 2.36 9.02
C LYS A 108 16.59 1.20 8.93
N SER A 109 17.70 1.27 9.68
N SER A 109 17.70 1.28 9.68
CA SER A 109 18.73 0.26 9.54
CA SER A 109 18.74 0.28 9.57
C SER A 109 18.45 -0.99 10.38
C SER A 109 18.44 -0.98 10.37
N SER A 110 17.71 -0.86 11.48
CA SER A 110 17.47 -1.99 12.36
C SER A 110 16.12 -2.67 12.15
N ALA A 111 15.17 -2.05 11.44
CA ALA A 111 13.82 -2.56 11.38
C ALA A 111 13.78 -4.02 10.95
N ILE A 112 14.50 -4.36 9.88
CA ILE A 112 14.46 -5.73 9.38
C ILE A 112 15.06 -6.70 10.40
N GLU A 113 16.10 -6.27 11.11
CA GLU A 113 16.71 -7.13 12.12
C GLU A 113 15.75 -7.38 13.28
N VAL A 114 15.06 -6.34 13.73
CA VAL A 114 14.11 -6.51 14.85
C VAL A 114 12.94 -7.38 14.43
N ILE A 115 12.49 -7.25 13.18
CA ILE A 115 11.41 -8.10 12.68
C ILE A 115 11.82 -9.56 12.69
N MET A 116 13.07 -9.85 12.30
CA MET A 116 13.55 -11.23 12.35
C MET A 116 13.62 -11.73 13.79
N LEU A 117 14.09 -10.89 14.72
CA LEU A 117 14.10 -11.28 16.13
C LEU A 117 12.69 -11.51 16.65
N ARG A 118 11.80 -10.55 16.40
CA ARG A 118 10.44 -10.65 16.92
C ARG A 118 9.71 -11.87 16.36
N SER A 119 9.97 -12.22 15.10
CA SER A 119 9.32 -13.38 14.50
C SER A 119 9.69 -14.68 15.19
N ASN A 120 10.85 -14.73 15.86
CA ASN A 120 11.28 -15.97 16.51
C ASN A 120 10.30 -16.44 17.57
N GLN A 121 9.47 -15.53 18.11
CA GLN A 121 8.51 -15.92 19.14
C GLN A 121 7.53 -16.97 18.63
N SER A 122 7.11 -16.86 17.37
CA SER A 122 6.13 -17.77 16.79
C SER A 122 6.76 -18.85 15.92
N PHE A 123 8.09 -18.93 15.91
CA PHE A 123 8.79 -19.95 15.12
C PHE A 123 8.81 -21.27 15.86
N THR A 124 8.59 -22.37 15.14
CA THR A 124 8.62 -23.70 15.73
C THR A 124 9.57 -24.59 14.94
N MET A 125 10.38 -25.36 15.67
CA MET A 125 11.43 -26.19 15.08
C MET A 125 10.94 -27.54 14.62
N ASP A 126 9.67 -27.89 14.85
CA ASP A 126 9.11 -29.11 14.27
C ASP A 126 9.32 -29.12 12.77
N ASP A 127 8.92 -28.03 12.11
CA ASP A 127 8.77 -27.99 10.66
C ASP A 127 9.32 -26.71 10.06
N MET A 128 10.15 -25.97 10.81
CA MET A 128 10.80 -24.74 10.33
C MET A 128 9.76 -23.75 9.79
N SER A 129 8.81 -23.37 10.65
CA SER A 129 7.69 -22.54 10.23
C SER A 129 7.34 -21.54 11.31
N TRP A 130 6.49 -20.58 10.94
CA TRP A 130 6.02 -19.51 11.82
C TRP A 130 4.50 -19.67 11.97
N ASP A 131 4.03 -20.10 13.14
CA ASP A 131 2.60 -20.32 13.35
C ASP A 131 1.97 -19.13 14.06
N CYS A 132 0.84 -18.66 13.52
CA CYS A 132 0.18 -17.48 14.05
C CYS A 132 -1.30 -17.70 14.22
N GLY A 133 -1.69 -18.84 14.76
CA GLY A 133 -3.05 -19.06 15.23
C GLY A 133 -3.94 -19.82 14.29
N SER A 134 -3.57 -19.88 13.02
CA SER A 134 -4.43 -20.56 12.02
C SER A 134 -3.56 -21.11 10.91
N GLN A 135 -4.12 -21.98 10.09
CA GLN A 135 -3.35 -22.57 9.00
C GLN A 135 -3.08 -21.55 7.90
N ASP A 136 -4.04 -20.67 7.63
CA ASP A 136 -3.80 -19.56 6.71
C ASP A 136 -2.56 -18.78 7.13
N TYR A 137 -2.45 -18.51 8.43
CA TYR A 137 -1.38 -17.67 8.98
C TYR A 137 -0.25 -18.50 9.58
N LYS A 138 0.08 -19.64 8.97
CA LYS A 138 1.30 -20.38 9.26
C LYS A 138 2.22 -20.26 8.07
N TYR A 139 3.43 -19.76 8.29
CA TYR A 139 4.32 -19.41 7.19
C TYR A 139 5.51 -20.36 7.16
N ASP A 140 5.86 -20.84 5.97
CA ASP A 140 7.02 -21.69 5.79
C ASP A 140 7.97 -21.06 4.79
N VAL A 141 9.02 -21.80 4.47
CA VAL A 141 10.08 -21.41 3.50
C VAL A 141 9.45 -21.08 2.15
N THR A 142 8.38 -21.77 1.79
CA THR A 142 7.74 -21.56 0.49
C THR A 142 7.06 -20.20 0.42
N ASP A 143 6.43 -19.77 1.51
CA ASP A 143 5.76 -18.48 1.52
C ASP A 143 6.76 -17.34 1.34
N VAL A 144 7.93 -17.44 1.98
CA VAL A 144 8.95 -16.42 1.80
C VAL A 144 9.45 -16.43 0.35
N SER A 145 9.57 -17.63 -0.24
CA SER A 145 9.89 -17.73 -1.66
C SER A 145 8.86 -16.98 -2.50
N LYS A 146 7.56 -17.15 -2.17
CA LYS A 146 6.49 -16.53 -2.92
C LYS A 146 6.33 -15.05 -2.60
N ALA A 147 7.21 -14.48 -1.79
CA ALA A 147 7.34 -13.05 -1.63
C ALA A 147 8.52 -12.48 -2.41
N GLY A 148 9.30 -13.34 -3.08
CA GLY A 148 10.37 -12.90 -3.95
C GLY A 148 11.76 -13.24 -3.50
N HIS A 149 11.94 -13.85 -2.34
CA HIS A 149 13.28 -14.09 -1.82
C HIS A 149 13.78 -15.47 -2.22
N THR A 150 15.10 -15.58 -2.32
CA THR A 150 15.76 -16.82 -2.70
C THR A 150 16.45 -17.45 -1.49
N LEU A 151 17.05 -18.62 -1.72
CA LEU A 151 17.64 -19.40 -0.63
C LEU A 151 18.86 -18.73 -0.01
N GLU A 152 19.53 -17.83 -0.74
CA GLU A 152 20.67 -17.13 -0.16
C GLU A 152 20.26 -16.27 1.02
N LEU A 153 18.97 -15.92 1.12
CA LEU A 153 18.41 -15.31 2.33
C LEU A 153 17.70 -16.34 3.20
N ILE A 154 16.92 -17.23 2.59
CA ILE A 154 16.03 -18.09 3.37
C ILE A 154 16.82 -19.15 4.14
N GLU A 155 17.88 -19.67 3.53
CA GLU A 155 18.64 -20.72 4.24
C GLU A 155 19.28 -20.12 5.48
N PRO A 156 20.13 -19.09 5.40
CA PRO A 156 20.69 -18.51 6.64
C PRO A 156 19.62 -17.95 7.57
N LEU A 157 18.45 -17.56 7.05
CA LEU A 157 17.37 -17.09 7.90
C LEU A 157 16.84 -18.21 8.79
N ILE A 158 16.64 -19.40 8.21
CA ILE A 158 16.16 -20.52 8.99
C ILE A 158 17.21 -20.97 10.00
N LYS A 159 18.47 -20.95 9.57
CA LYS A 159 19.60 -21.31 10.47
C LYS A 159 19.62 -20.36 11.65
N PHE A 160 19.40 -19.08 11.39
CA PHE A 160 19.35 -18.09 12.47
C PHE A 160 18.18 -18.38 13.41
N GLN A 161 16.99 -18.63 12.85
CA GLN A 161 15.82 -18.88 13.69
C GLN A 161 16.03 -20.12 14.56
N VAL A 162 16.67 -21.16 14.02
CA VAL A 162 16.90 -22.37 14.78
C VAL A 162 17.90 -22.12 15.91
N GLY A 163 19.01 -21.43 15.59
CA GLY A 163 19.99 -21.13 16.60
C GLY A 163 19.46 -20.23 17.70
N LEU A 164 18.57 -19.30 17.34
CA LEU A 164 17.99 -18.41 18.35
C LEU A 164 17.00 -19.15 19.22
N LYS A 165 16.14 -19.98 18.62
CA LYS A 165 15.17 -20.76 19.40
C LYS A 165 15.88 -21.65 20.43
N LYS A 166 16.95 -22.32 20.02
CA LYS A 166 17.63 -23.22 20.96
C LYS A 166 18.30 -22.50 22.12
N LEU A 167 18.43 -21.17 22.06
CA LEU A 167 18.94 -20.43 23.22
C LEU A 167 17.94 -20.37 24.35
N ASN A 168 16.66 -20.62 24.08
N ASN A 168 16.66 -20.60 24.09
CA ASN A 168 15.59 -20.59 25.08
CA ASN A 168 15.61 -20.60 25.11
C ASN A 168 15.65 -19.32 25.92
C ASN A 168 15.63 -19.31 25.94
N LEU A 169 15.63 -18.18 25.24
CA LEU A 169 15.74 -16.89 25.92
C LEU A 169 14.52 -16.60 26.79
N HIS A 170 14.78 -15.99 27.95
CA HIS A 170 13.69 -15.37 28.70
C HIS A 170 13.22 -14.12 27.99
N GLU A 171 11.98 -13.71 28.28
CA GLU A 171 11.45 -12.50 27.65
C GLU A 171 12.30 -11.29 27.98
N GLU A 172 12.90 -11.26 29.17
CA GLU A 172 13.79 -10.15 29.54
C GLU A 172 14.98 -10.07 28.60
N GLU A 173 15.60 -11.22 28.30
CA GLU A 173 16.74 -11.22 27.38
C GLU A 173 16.29 -10.88 25.96
N HIS A 174 15.08 -11.29 25.60
CA HIS A 174 14.53 -11.01 24.27
C HIS A 174 14.36 -9.51 24.03
N VAL A 175 13.74 -8.80 24.97
CA VAL A 175 13.49 -7.38 24.77
C VAL A 175 14.80 -6.59 24.84
N LEU A 176 15.74 -7.01 25.69
CA LEU A 176 17.03 -6.34 25.74
C LEU A 176 17.78 -6.51 24.42
N LEU A 177 17.71 -7.71 23.84
CA LEU A 177 18.39 -7.95 22.57
C LEU A 177 17.82 -7.08 21.46
N MET A 178 16.48 -6.97 21.39
CA MET A 178 15.86 -6.11 20.39
C MET A 178 16.25 -4.65 20.61
N ALA A 179 16.28 -4.20 21.87
CA ALA A 179 16.67 -2.82 22.14
C ALA A 179 18.13 -2.57 21.77
N ILE A 180 19.02 -3.50 22.14
CA ILE A 180 20.43 -3.38 21.79
C ILE A 180 20.60 -3.30 20.28
N CYS A 181 19.81 -4.09 19.55
CA CYS A 181 19.86 -4.08 18.09
C CYS A 181 19.52 -2.71 17.53
N ILE A 182 18.52 -2.04 18.12
CA ILE A 182 18.03 -0.77 17.59
C ILE A 182 19.05 0.34 17.83
N VAL A 183 19.58 0.44 19.04
N VAL A 183 19.60 0.41 19.03
CA VAL A 183 20.53 1.52 19.34
CA VAL A 183 20.53 1.47 19.40
C VAL A 183 21.96 1.05 19.07
C VAL A 183 21.94 0.98 19.11
N SER A 184 22.26 0.76 17.81
CA SER A 184 23.59 0.36 17.40
C SER A 184 24.36 1.59 16.93
N PRO A 185 25.47 1.95 17.57
CA PRO A 185 26.16 3.19 17.18
C PRO A 185 26.93 3.09 15.87
N ASP A 186 27.11 1.90 15.31
CA ASP A 186 27.85 1.72 14.08
C ASP A 186 26.96 1.67 12.84
N ARG A 187 25.73 2.15 12.94
CA ARG A 187 24.88 2.22 11.76
C ARG A 187 25.36 3.35 10.85
N PRO A 188 25.31 3.18 9.54
CA PRO A 188 25.71 4.26 8.63
C PRO A 188 24.74 5.44 8.75
N GLY A 189 25.31 6.64 8.80
CA GLY A 189 24.54 7.85 8.87
C GLY A 189 24.29 8.40 10.27
N VAL A 190 24.63 7.64 11.31
CA VAL A 190 24.45 8.13 12.67
C VAL A 190 25.41 9.29 12.92
N GLN A 191 24.88 10.39 13.46
CA GLN A 191 25.73 11.53 13.79
C GLN A 191 26.26 11.46 15.21
N ASP A 192 25.37 11.25 16.19
CA ASP A 192 25.77 11.22 17.61
C ASP A 192 26.05 9.78 18.04
N ALA A 193 27.11 9.22 17.46
CA ALA A 193 27.46 7.82 17.74
C ALA A 193 27.78 7.60 19.22
N LYS A 194 28.42 8.58 19.85
CA LYS A 194 28.76 8.44 21.27
C LYS A 194 27.50 8.38 22.13
N LEU A 195 26.49 9.18 21.79
CA LEU A 195 25.24 9.15 22.56
C LEU A 195 24.51 7.83 22.34
N VAL A 196 24.48 7.34 21.10
CA VAL A 196 23.90 6.03 20.82
C VAL A 196 24.65 4.94 21.60
N GLU A 197 25.97 5.02 21.63
CA GLU A 197 26.76 4.03 22.34
C GLU A 197 26.47 4.06 23.83
N ALA A 198 26.26 5.26 24.38
CA ALA A 198 25.95 5.39 25.80
C ALA A 198 24.68 4.64 26.17
N ILE A 199 23.66 4.72 25.31
CA ILE A 199 22.43 3.97 25.55
C ILE A 199 22.69 2.47 25.44
N GLN A 200 23.36 2.05 24.35
CA GLN A 200 23.57 0.63 24.14
C GLN A 200 24.39 0.01 25.27
N ASP A 201 25.40 0.74 25.75
CA ASP A 201 26.24 0.23 26.83
C ASP A 201 25.43 -0.03 28.09
N ARG A 202 24.46 0.85 28.38
CA ARG A 202 23.60 0.63 29.54
C ARG A 202 22.71 -0.59 29.33
N LEU A 203 22.17 -0.76 28.12
CA LEU A 203 21.38 -1.96 27.82
C LEU A 203 22.24 -3.22 27.90
N SER A 204 23.46 -3.16 27.35
CA SER A 204 24.35 -4.31 27.39
C SER A 204 24.74 -4.68 28.81
N ASN A 205 25.05 -3.68 29.63
N ASN A 205 25.05 -3.68 29.64
CA ASN A 205 25.35 -3.92 31.04
CA ASN A 205 25.36 -3.95 31.05
C ASN A 205 24.19 -4.61 31.74
C ASN A 205 24.18 -4.63 31.73
N THR A 206 22.97 -4.18 31.45
CA THR A 206 21.78 -4.77 32.06
C THR A 206 21.59 -6.21 31.59
N LEU A 207 21.84 -6.49 30.31
CA LEU A 207 21.73 -7.85 29.81
C LEU A 207 22.77 -8.76 30.45
N GLN A 208 24.03 -8.29 30.53
CA GLN A 208 25.08 -9.10 31.14
C GLN A 208 24.76 -9.40 32.60
N THR A 209 24.27 -8.41 33.34
CA THR A 209 23.93 -8.65 34.74
C THR A 209 22.76 -9.60 34.87
N TYR A 210 21.75 -9.46 34.00
CA TYR A 210 20.62 -10.39 34.05
C TYR A 210 21.08 -11.82 33.81
N ILE A 211 21.98 -12.02 32.84
CA ILE A 211 22.50 -13.36 32.56
C ILE A 211 23.22 -13.92 33.78
N ARG A 212 24.00 -13.08 34.44
CA ARG A 212 24.79 -13.54 35.61
C ARG A 212 23.86 -13.92 36.75
N CYS A 213 22.70 -13.29 36.83
CA CYS A 213 21.75 -13.63 37.89
C CYS A 213 21.15 -15.00 37.66
N ARG A 214 21.06 -15.41 36.41
CA ARG A 214 20.42 -16.69 36.09
C ARG A 214 21.44 -17.81 35.92
N HIS A 215 22.68 -17.50 35.56
CA HIS A 215 23.64 -18.53 35.20
C HIS A 215 25.03 -18.25 35.78
N PRO A 216 25.63 -19.23 36.45
CA PRO A 216 27.02 -19.08 36.90
C PRO A 216 27.97 -19.23 35.73
N PRO A 217 29.23 -18.80 35.87
CA PRO A 217 30.20 -19.07 34.83
C PRO A 217 30.53 -20.56 34.78
N PRO A 218 30.94 -21.07 33.62
CA PRO A 218 31.13 -20.35 32.35
C PRO A 218 29.88 -20.29 31.48
N GLY A 219 28.77 -20.86 31.92
CA GLY A 219 27.55 -20.80 31.13
C GLY A 219 27.10 -19.38 30.88
N SER A 220 27.29 -18.50 31.86
CA SER A 220 27.05 -17.07 31.69
C SER A 220 27.78 -16.56 30.46
N HIS A 221 29.09 -16.79 30.39
CA HIS A 221 29.91 -16.26 29.31
C HIS A 221 29.52 -16.87 27.96
N GLN A 222 29.23 -18.17 27.95
CA GLN A 222 28.91 -18.83 26.68
C GLN A 222 27.59 -18.32 26.11
N LEU A 223 26.59 -18.10 26.96
CA LEU A 223 25.30 -17.60 26.50
C LEU A 223 25.44 -16.19 25.93
N TYR A 224 26.12 -15.30 26.66
CA TYR A 224 26.29 -13.93 26.17
C TYR A 224 27.05 -13.93 24.84
N ALA A 225 28.07 -14.78 24.71
CA ALA A 225 28.81 -14.86 23.46
C ALA A 225 27.90 -15.28 22.31
N LYS A 226 27.02 -16.26 22.56
CA LYS A 226 26.09 -16.69 21.51
C LYS A 226 25.10 -15.60 21.16
N MET A 227 24.69 -14.77 22.13
CA MET A 227 23.83 -13.64 21.82
C MET A 227 24.55 -12.61 20.97
N ILE A 228 25.82 -12.35 21.29
CA ILE A 228 26.63 -11.44 20.47
C ILE A 228 26.70 -11.95 19.03
N GLN A 229 26.95 -13.26 18.86
CA GLN A 229 27.04 -13.83 17.52
C GLN A 229 25.72 -13.68 16.76
N LYS A 230 24.59 -13.80 17.47
CA LYS A 230 23.30 -13.65 16.81
C LYS A 230 23.11 -12.22 16.31
N LEU A 231 23.60 -11.24 17.07
CA LEU A 231 23.59 -9.86 16.57
C LEU A 231 24.46 -9.72 15.34
N ALA A 232 25.61 -10.41 15.30
CA ALA A 232 26.45 -10.40 14.12
C ALA A 232 25.76 -11.10 12.96
N ASP A 233 25.10 -12.24 13.22
CA ASP A 233 24.34 -12.93 12.18
C ASP A 233 23.27 -12.02 11.57
N LEU A 234 22.58 -11.25 12.43
CA LEU A 234 21.51 -10.37 11.94
C LEU A 234 22.03 -9.34 10.96
N ARG A 235 23.26 -8.87 11.15
CA ARG A 235 23.83 -7.90 10.22
C ARG A 235 24.03 -8.52 8.85
N SER A 236 24.48 -9.77 8.79
N SER A 236 24.47 -9.78 8.78
CA SER A 236 24.61 -10.45 7.50
CA SER A 236 24.62 -10.45 7.50
C SER A 236 23.25 -10.66 6.85
C SER A 236 23.26 -10.67 6.85
N LEU A 237 22.25 -11.07 7.63
CA LEU A 237 20.91 -11.22 7.08
C LEU A 237 20.36 -9.88 6.58
N ASN A 238 20.65 -8.80 7.32
CA ASN A 238 20.28 -7.45 6.88
C ASN A 238 20.84 -7.16 5.50
N GLU A 239 22.16 -7.35 5.32
CA GLU A 239 22.80 -7.07 4.05
C GLU A 239 22.16 -7.86 2.91
N GLU A 240 21.94 -9.17 3.13
CA GLU A 240 21.35 -9.99 2.08
C GLU A 240 19.92 -9.58 1.78
N HIS A 241 19.13 -9.28 2.82
CA HIS A 241 17.77 -8.82 2.57
C HIS A 241 17.76 -7.50 1.81
N SER A 242 18.68 -6.59 2.15
N SER A 242 18.68 -6.59 2.15
CA SER A 242 18.77 -5.32 1.44
CA SER A 242 18.75 -5.32 1.44
C SER A 242 19.05 -5.54 -0.04
C SER A 242 19.05 -5.54 -0.04
N LYS A 243 20.00 -6.43 -0.34
CA LYS A 243 20.33 -6.74 -1.73
C LYS A 243 19.09 -7.24 -2.48
N GLN A 244 18.37 -8.19 -1.89
CA GLN A 244 17.21 -8.76 -2.57
C GLN A 244 16.04 -7.79 -2.60
N TYR A 245 15.87 -6.98 -1.54
CA TYR A 245 14.81 -5.98 -1.57
C TYR A 245 15.05 -4.95 -2.68
N ARG A 246 16.30 -4.48 -2.81
N ARG A 246 16.30 -4.48 -2.80
CA ARG A 246 16.60 -3.52 -3.87
CA ARG A 246 16.62 -3.53 -3.87
C ARG A 246 16.33 -4.12 -5.25
C ARG A 246 16.32 -4.12 -5.24
N SER A 247 16.66 -5.39 -5.44
CA SER A 247 16.39 -6.05 -6.72
C SER A 247 14.90 -6.21 -6.95
N LEU A 248 14.14 -6.51 -5.89
CA LEU A 248 12.70 -6.69 -6.05
C LEU A 248 11.99 -5.37 -6.26
N SER A 249 12.21 -4.41 -5.36
CA SER A 249 11.50 -3.14 -5.41
C SER A 249 11.89 -2.29 -6.61
N PHE A 250 13.00 -2.62 -7.29
CA PHE A 250 13.38 -1.90 -8.49
C PHE A 250 12.35 -2.06 -9.60
N GLN A 251 11.68 -3.20 -9.66
CA GLN A 251 10.64 -3.45 -10.65
C GLN A 251 9.33 -2.81 -10.19
N PRO A 252 8.76 -1.87 -10.95
CA PRO A 252 7.58 -1.15 -10.46
C PRO A 252 6.36 -2.04 -10.21
N GLU A 253 6.21 -3.15 -10.93
CA GLU A 253 5.10 -4.06 -10.62
C GLU A 253 5.28 -4.72 -9.27
N ASN A 254 6.52 -4.82 -8.78
CA ASN A 254 6.75 -5.35 -7.44
C ASN A 254 6.52 -4.28 -6.38
N SER A 255 7.05 -3.08 -6.59
N SER A 255 7.06 -3.08 -6.60
CA SER A 255 6.83 -2.00 -5.63
CA SER A 255 6.84 -1.98 -5.66
C SER A 255 5.36 -1.64 -5.52
C SER A 255 5.36 -1.65 -5.52
N MET A 256 4.58 -1.87 -6.58
CA MET A 256 3.14 -1.66 -6.52
C MET A 256 2.50 -2.51 -5.45
N LYS A 257 3.09 -3.65 -5.12
CA LYS A 257 2.51 -4.60 -4.18
C LYS A 257 2.89 -4.31 -2.73
N LEU A 258 3.79 -3.37 -2.50
CA LEU A 258 4.25 -3.07 -1.16
C LEU A 258 3.29 -2.08 -0.51
N THR A 259 3.66 -1.56 0.66
CA THR A 259 2.89 -0.53 1.33
C THR A 259 3.66 0.78 1.35
N PRO A 260 2.97 1.91 1.55
CA PRO A 260 3.70 3.19 1.64
C PRO A 260 4.74 3.21 2.75
N LEU A 261 4.43 2.64 3.92
CA LEU A 261 5.38 2.63 5.01
C LEU A 261 6.62 1.81 4.68
N VAL A 262 6.42 0.66 4.02
CA VAL A 262 7.55 -0.18 3.63
C VAL A 262 8.44 0.56 2.65
N LEU A 263 7.84 1.24 1.67
CA LEU A 263 8.64 2.00 0.70
C LEU A 263 9.42 3.11 1.38
N GLU A 264 8.80 3.79 2.35
CA GLU A 264 9.47 4.89 3.02
C GLU A 264 10.62 4.40 3.89
N VAL A 265 10.37 3.37 4.70
CA VAL A 265 11.35 2.94 5.69
C VAL A 265 12.51 2.20 5.03
N PHE A 266 12.20 1.33 4.07
CA PHE A 266 13.21 0.52 3.39
C PHE A 266 13.85 1.22 2.20
N GLY A 267 13.43 2.45 1.88
CA GLY A 267 13.81 3.08 0.63
C GLY A 267 15.11 3.89 0.68
N ASN A 268 15.64 4.15 -0.52
CA ASN A 268 16.90 4.86 -0.72
C ASN A 268 18.08 4.13 -0.11
N LYS B 1 15.93 12.31 5.41
CA LYS B 1 15.11 13.43 5.89
C LYS B 1 13.64 13.21 5.61
N ASN B 2 13.35 12.70 4.41
CA ASN B 2 12.02 12.69 3.82
C ASN B 2 11.26 11.45 4.27
N HIS B 3 10.78 11.49 5.51
CA HIS B 3 10.15 10.32 6.15
C HIS B 3 8.94 10.75 6.98
N PRO B 4 7.89 11.25 6.33
CA PRO B 4 6.74 11.76 7.12
C PRO B 4 6.00 10.68 7.89
N MET B 5 5.83 9.49 7.31
N MET B 5 5.84 9.49 7.32
CA MET B 5 5.10 8.43 8.00
CA MET B 5 5.10 8.43 8.01
C MET B 5 5.90 7.90 9.19
C MET B 5 5.89 7.89 9.19
N LEU B 6 7.21 7.74 9.01
CA LEU B 6 8.06 7.31 10.13
C LEU B 6 8.06 8.36 11.24
N MET B 7 8.21 9.63 10.87
CA MET B 7 8.19 10.71 11.84
C MET B 7 6.87 10.76 12.59
N ASN B 8 5.75 10.57 11.88
CA ASN B 8 4.44 10.60 12.52
C ASN B 8 4.30 9.51 13.56
N LEU B 9 4.81 8.32 13.28
CA LEU B 9 4.74 7.23 14.24
C LEU B 9 5.70 7.45 15.40
N LEU B 10 6.80 8.16 15.16
CA LEU B 10 7.68 8.58 16.25
C LEU B 10 7.09 9.73 17.05
N LYS B 11 6.14 10.46 16.45
CA LYS B 11 5.53 11.67 17.00
C LYS B 11 6.52 12.82 17.02
N LYS C 18 -26.16 3.92 -40.46
CA LYS C 18 -25.58 5.25 -40.74
C LYS C 18 -24.19 5.37 -40.11
N LEU C 19 -23.78 4.40 -39.29
CA LEU C 19 -22.42 4.38 -38.78
C LEU C 19 -21.46 4.01 -39.91
N SER C 20 -20.39 4.77 -40.06
CA SER C 20 -19.37 4.42 -41.04
C SER C 20 -18.61 3.19 -40.57
N GLU C 21 -17.86 2.58 -41.49
CA GLU C 21 -16.98 1.47 -41.13
C GLU C 21 -16.05 1.87 -39.99
N GLU C 22 -15.41 3.03 -40.13
CA GLU C 22 -14.49 3.52 -39.12
C GLU C 22 -15.18 3.67 -37.76
N GLN C 23 -16.41 4.18 -37.75
CA GLN C 23 -17.14 4.36 -36.50
C GLN C 23 -17.52 3.02 -35.88
N GLN C 24 -17.96 2.07 -36.71
CA GLN C 24 -18.22 0.72 -36.19
C GLN C 24 -16.94 0.10 -35.63
N HIS C 25 -15.82 0.30 -36.34
CA HIS C 25 -14.53 -0.21 -35.87
C HIS C 25 -14.18 0.36 -34.49
N ILE C 26 -14.28 1.69 -34.34
CA ILE C 26 -14.01 2.33 -33.07
C ILE C 26 -14.85 1.70 -31.97
N ILE C 27 -16.17 1.57 -32.21
CA ILE C 27 -17.05 1.02 -31.17
C ILE C 27 -16.66 -0.41 -30.83
N ALA C 28 -16.36 -1.22 -31.84
CA ALA C 28 -15.95 -2.61 -31.60
C ALA C 28 -14.71 -2.68 -30.71
N ILE C 29 -13.73 -1.82 -30.97
CA ILE C 29 -12.51 -1.82 -30.19
C ILE C 29 -12.78 -1.43 -28.74
N LEU C 30 -13.62 -0.41 -28.54
CA LEU C 30 -13.93 0.06 -27.16
C LEU C 30 -14.74 -0.98 -26.37
N LEU C 31 -15.67 -1.65 -27.04
CA LEU C 31 -16.44 -2.68 -26.34
C LEU C 31 -15.54 -3.84 -25.92
N ASP C 32 -14.67 -4.30 -26.84
CA ASP C 32 -13.69 -5.32 -26.48
C ASP C 32 -12.79 -4.86 -25.36
N ALA C 33 -12.34 -3.60 -25.41
CA ALA C 33 -11.47 -3.07 -24.36
C ALA C 33 -12.16 -3.07 -23.01
N HIS C 34 -13.43 -2.65 -22.97
CA HIS C 34 -14.18 -2.66 -21.72
C HIS C 34 -14.38 -4.07 -21.21
N HIS C 35 -14.71 -5.01 -22.09
CA HIS C 35 -14.92 -6.39 -21.67
C HIS C 35 -13.63 -7.00 -21.12
N LYS C 36 -12.48 -6.58 -21.63
CA LYS C 36 -11.20 -7.07 -21.13
C LYS C 36 -10.82 -6.48 -19.78
N THR C 37 -11.40 -5.34 -19.39
CA THR C 37 -10.95 -4.59 -18.24
C THR C 37 -12.04 -4.36 -17.19
N TYR C 38 -13.22 -4.95 -17.36
CA TYR C 38 -14.29 -4.87 -16.36
C TYR C 38 -14.82 -6.28 -16.12
N ASP C 39 -14.64 -6.78 -14.89
CA ASP C 39 -15.06 -8.12 -14.48
C ASP C 39 -16.35 -8.00 -13.68
N PRO C 40 -17.52 -8.25 -14.28
CA PRO C 40 -18.77 -8.10 -13.53
C PRO C 40 -19.02 -9.17 -12.48
N THR C 41 -18.13 -10.15 -12.33
CA THR C 41 -18.21 -11.09 -11.22
C THR C 41 -17.51 -10.57 -9.97
N TYR C 42 -16.62 -9.59 -10.12
CA TYR C 42 -15.92 -8.95 -9.00
C TYR C 42 -15.13 -9.96 -8.17
N ALA C 43 -14.67 -11.02 -8.82
CA ALA C 43 -13.93 -12.06 -8.12
C ALA C 43 -12.69 -11.50 -7.44
N ASP C 44 -12.03 -10.51 -8.05
CA ASP C 44 -10.77 -10.01 -7.53
C ASP C 44 -10.92 -9.28 -6.20
N PHE C 45 -12.14 -8.91 -5.80
CA PHE C 45 -12.34 -8.19 -4.55
C PHE C 45 -11.93 -9.03 -3.35
N ARG C 46 -11.88 -10.36 -3.51
CA ARG C 46 -11.40 -11.24 -2.45
C ARG C 46 -9.98 -10.90 -2.02
N ASP C 47 -9.18 -10.33 -2.92
CA ASP C 47 -7.77 -10.07 -2.69
C ASP C 47 -7.51 -8.77 -1.96
N PHE C 48 -8.52 -7.91 -1.83
CA PHE C 48 -8.34 -6.64 -1.15
C PHE C 48 -8.24 -6.86 0.35
N ARG C 49 -7.70 -5.86 1.04
CA ARG C 49 -7.85 -5.83 2.48
C ARG C 49 -9.35 -5.84 2.80
N PRO C 50 -9.79 -6.67 3.74
CA PRO C 50 -11.23 -6.89 3.90
C PRO C 50 -11.93 -5.62 4.34
N PRO C 51 -13.21 -5.46 3.98
CA PRO C 51 -13.98 -4.34 4.53
C PRO C 51 -14.26 -4.58 6.02
N VAL C 52 -14.37 -3.48 6.75
CA VAL C 52 -14.69 -3.51 8.17
C VAL C 52 -15.65 -2.35 8.43
N ARG C 53 -16.83 -2.66 8.97
CA ARG C 53 -17.88 -1.66 9.11
C ARG C 53 -18.34 -1.43 10.54
N MET C 54 -17.74 -2.11 11.52
CA MET C 54 -18.14 -2.07 12.94
C MET C 54 -18.71 -0.74 13.43
N SER C 66 -9.89 3.99 14.74
CA SER C 66 -10.38 5.17 14.05
C SER C 66 -11.60 4.84 13.19
N PRO C 67 -12.44 5.85 12.92
CA PRO C 67 -13.67 5.58 12.14
C PRO C 67 -13.43 5.31 10.67
N LEU C 68 -12.21 5.43 10.17
CA LEU C 68 -11.92 5.18 8.76
C LEU C 68 -11.65 3.70 8.49
N SER C 69 -12.57 2.85 8.98
CA SER C 69 -12.37 1.41 8.90
C SER C 69 -12.55 0.87 7.49
N MET C 70 -13.19 1.63 6.59
CA MET C 70 -13.32 1.23 5.20
C MET C 70 -12.25 1.81 4.30
N LEU C 71 -11.32 2.61 4.85
CA LEU C 71 -10.26 3.17 4.02
C LEU C 71 -9.35 2.11 3.42
N PRO C 72 -8.85 1.11 4.17
CA PRO C 72 -8.00 0.09 3.52
C PRO C 72 -8.69 -0.63 2.36
N HIS C 73 -9.92 -1.11 2.58
CA HIS C 73 -10.60 -1.87 1.53
C HIS C 73 -10.90 -0.99 0.31
N LEU C 74 -11.34 0.25 0.55
CA LEU C 74 -11.73 1.11 -0.56
C LEU C 74 -10.51 1.72 -1.26
N ALA C 75 -9.40 1.88 -0.54
CA ALA C 75 -8.16 2.26 -1.21
C ALA C 75 -7.70 1.16 -2.16
N ASP C 76 -7.82 -0.10 -1.73
CA ASP C 76 -7.47 -1.21 -2.60
C ASP C 76 -8.39 -1.26 -3.82
N LEU C 77 -9.69 -1.04 -3.62
CA LEU C 77 -10.64 -1.02 -4.73
C LEU C 77 -10.27 0.06 -5.74
N VAL C 78 -9.99 1.28 -5.26
CA VAL C 78 -9.64 2.38 -6.15
C VAL C 78 -8.33 2.09 -6.87
N SER C 79 -7.33 1.55 -6.15
CA SER C 79 -6.06 1.24 -6.77
C SER C 79 -6.22 0.17 -7.86
N TYR C 80 -7.01 -0.86 -7.56
CA TYR C 80 -7.38 -1.86 -8.57
C TYR C 80 -8.07 -1.21 -9.76
N SER C 81 -8.97 -0.26 -9.50
CA SER C 81 -9.71 0.39 -10.58
C SER C 81 -8.79 1.21 -11.47
N ILE C 82 -7.81 1.90 -10.88
CA ILE C 82 -6.84 2.66 -11.67
C ILE C 82 -6.16 1.76 -12.68
N GLN C 83 -5.75 0.57 -12.25
CA GLN C 83 -5.11 -0.38 -13.17
C GLN C 83 -6.05 -0.74 -14.31
N LYS C 84 -7.33 -0.91 -14.02
CA LYS C 84 -8.31 -1.21 -15.06
C LYS C 84 -8.47 -0.04 -16.02
N VAL C 85 -8.53 1.19 -15.47
CA VAL C 85 -8.69 2.37 -16.33
C VAL C 85 -7.49 2.53 -17.25
N ILE C 86 -6.28 2.29 -16.73
CA ILE C 86 -5.09 2.34 -17.57
C ILE C 86 -5.21 1.33 -18.70
N GLY C 87 -5.62 0.10 -18.37
CA GLY C 87 -5.75 -0.93 -19.40
C GLY C 87 -6.75 -0.54 -20.47
N PHE C 88 -7.89 0.04 -20.07
CA PHE C 88 -8.88 0.50 -21.03
C PHE C 88 -8.32 1.62 -21.89
N ALA C 89 -7.72 2.63 -21.26
CA ALA C 89 -7.16 3.77 -21.99
C ALA C 89 -6.16 3.32 -23.04
N LYS C 90 -5.36 2.30 -22.73
CA LYS C 90 -4.34 1.82 -23.66
C LYS C 90 -4.95 1.30 -24.96
N MET C 91 -6.21 0.89 -24.96
N MET C 91 -6.22 0.89 -24.93
CA MET C 91 -6.85 0.36 -26.15
CA MET C 91 -6.90 0.35 -26.09
C MET C 91 -7.73 1.37 -26.86
C MET C 91 -7.66 1.39 -26.90
N ILE C 92 -7.82 2.60 -26.37
CA ILE C 92 -8.49 3.67 -27.09
C ILE C 92 -7.68 3.95 -28.36
N PRO C 93 -8.28 3.86 -29.55
CA PRO C 93 -7.50 4.10 -30.78
C PRO C 93 -6.81 5.45 -30.76
N GLY C 94 -5.48 5.43 -30.93
CA GLY C 94 -4.67 6.62 -30.95
C GLY C 94 -4.02 6.98 -29.63
N PHE C 95 -4.54 6.48 -28.50
CA PHE C 95 -4.04 6.91 -27.20
C PHE C 95 -2.57 6.56 -27.03
N ARG C 96 -2.19 5.33 -27.39
CA ARG C 96 -0.79 4.94 -27.23
C ARG C 96 0.13 5.61 -28.24
N ASP C 97 -0.42 6.28 -29.25
CA ASP C 97 0.39 7.03 -30.19
C ASP C 97 0.72 8.44 -29.69
N LEU C 98 0.21 8.82 -28.52
CA LEU C 98 0.62 10.07 -27.90
C LEU C 98 1.94 9.88 -27.16
N THR C 99 2.61 10.98 -26.86
CA THR C 99 3.80 10.89 -26.03
C THR C 99 3.44 10.32 -24.66
N SER C 100 4.44 9.70 -24.01
N SER C 100 4.43 9.71 -24.01
CA SER C 100 4.22 9.15 -22.68
CA SER C 100 4.19 9.15 -22.68
C SER C 100 3.82 10.24 -21.69
C SER C 100 3.82 10.23 -21.68
N ASP C 101 4.40 11.43 -21.83
CA ASP C 101 4.05 12.55 -20.95
C ASP C 101 2.55 12.87 -21.04
N ASP C 102 2.03 12.95 -22.27
CA ASP C 102 0.61 13.25 -22.43
C ASP C 102 -0.26 12.09 -21.97
N GLN C 103 0.16 10.85 -22.23
CA GLN C 103 -0.57 9.71 -21.70
C GLN C 103 -0.66 9.77 -20.18
N ILE C 104 0.44 10.14 -19.52
CA ILE C 104 0.46 10.23 -18.07
C ILE C 104 -0.46 11.35 -17.59
N VAL C 105 -0.36 12.52 -18.23
CA VAL C 105 -1.17 13.67 -17.82
C VAL C 105 -2.66 13.36 -17.98
N LEU C 106 -3.04 12.78 -19.11
CA LEU C 106 -4.44 12.47 -19.34
C LEU C 106 -4.98 11.47 -18.32
N LEU C 107 -4.18 10.47 -17.96
CA LEU C 107 -4.64 9.46 -17.01
C LEU C 107 -4.70 10.01 -15.59
N LYS C 108 -3.69 10.79 -15.19
N LYS C 108 -3.68 10.78 -15.19
CA LYS C 108 -3.68 11.36 -13.85
CA LYS C 108 -3.68 11.38 -13.85
C LYS C 108 -4.90 12.27 -13.63
C LYS C 108 -4.90 12.27 -13.65
N SER C 109 -5.27 13.05 -14.64
N SER C 109 -5.27 13.03 -14.69
CA SER C 109 -6.39 13.97 -14.51
CA SER C 109 -6.37 13.98 -14.56
C SER C 109 -7.75 13.31 -14.67
C SER C 109 -7.74 13.30 -14.66
N SER C 110 -7.83 12.17 -15.36
CA SER C 110 -9.11 11.55 -15.64
C SER C 110 -9.44 10.35 -14.77
N ALA C 111 -8.46 9.79 -14.05
CA ALA C 111 -8.66 8.51 -13.36
C ALA C 111 -9.87 8.56 -12.43
N ILE C 112 -9.96 9.60 -11.61
CA ILE C 112 -11.04 9.68 -10.64
C ILE C 112 -12.38 9.81 -11.33
N GLU C 113 -12.42 10.52 -12.47
CA GLU C 113 -13.67 10.68 -13.21
C GLU C 113 -14.11 9.38 -13.86
N VAL C 114 -13.17 8.63 -14.44
CA VAL C 114 -13.52 7.35 -15.06
C VAL C 114 -13.94 6.34 -14.00
N ILE C 115 -13.33 6.41 -12.81
CA ILE C 115 -13.74 5.51 -11.73
C ILE C 115 -15.19 5.77 -11.35
N MET C 116 -15.57 7.05 -11.24
CA MET C 116 -16.95 7.38 -10.92
C MET C 116 -17.89 6.94 -12.03
N LEU C 117 -17.48 7.14 -13.29
CA LEU C 117 -18.28 6.69 -14.42
C LEU C 117 -18.46 5.18 -14.41
N ARG C 118 -17.34 4.43 -14.35
CA ARG C 118 -17.44 2.99 -14.46
C ARG C 118 -18.13 2.37 -13.26
N SER C 119 -18.16 3.06 -12.11
CA SER C 119 -18.89 2.53 -10.96
C SER C 119 -20.39 2.45 -11.22
N ASN C 120 -20.90 3.19 -12.19
CA ASN C 120 -22.34 3.28 -12.40
C ASN C 120 -22.93 1.94 -12.83
N GLN C 121 -22.13 1.10 -13.44
CA GLN C 121 -22.59 -0.22 -13.91
C GLN C 121 -23.03 -1.06 -12.69
N SER C 122 -22.40 -0.84 -11.55
CA SER C 122 -22.73 -1.56 -10.32
C SER C 122 -23.76 -0.82 -9.47
N PHE C 123 -24.06 0.43 -9.81
CA PHE C 123 -24.93 1.25 -8.97
C PHE C 123 -26.38 0.80 -9.10
N THR C 124 -27.07 0.73 -7.98
CA THR C 124 -28.47 0.32 -7.94
C THR C 124 -29.31 1.46 -7.37
N MET C 125 -30.46 1.69 -7.98
CA MET C 125 -31.40 2.65 -7.42
C MET C 125 -32.38 2.01 -6.44
N ASP C 126 -32.25 0.71 -6.17
CA ASP C 126 -32.98 0.10 -5.05
C ASP C 126 -32.76 0.92 -3.79
N ASP C 127 -31.49 1.11 -3.41
CA ASP C 127 -31.14 1.76 -2.16
C ASP C 127 -29.92 2.67 -2.30
N MET C 128 -29.63 3.14 -3.51
N MET C 128 -29.63 3.14 -3.51
CA MET C 128 -28.50 4.04 -3.76
CA MET C 128 -28.51 4.05 -3.77
C MET C 128 -27.19 3.46 -3.25
C MET C 128 -27.19 3.46 -3.25
N SER C 129 -26.88 2.24 -3.69
CA SER C 129 -25.67 1.56 -3.29
C SER C 129 -24.96 1.00 -4.53
N TRP C 130 -23.71 0.62 -4.34
CA TRP C 130 -22.91 -0.02 -5.38
C TRP C 130 -22.85 -1.51 -5.05
N ASP C 131 -23.55 -2.32 -5.84
CA ASP C 131 -23.76 -3.73 -5.56
C ASP C 131 -22.80 -4.57 -6.40
N CYS C 132 -21.87 -5.24 -5.71
CA CYS C 132 -20.86 -6.07 -6.38
C CYS C 132 -20.98 -7.54 -6.00
N GLY C 133 -22.21 -8.04 -5.87
CA GLY C 133 -22.42 -9.46 -5.67
C GLY C 133 -22.87 -9.84 -4.28
N SER C 134 -22.10 -9.45 -3.27
CA SER C 134 -22.38 -9.80 -1.88
C SER C 134 -22.73 -8.55 -1.08
N GLN C 135 -23.22 -8.76 0.13
CA GLN C 135 -23.56 -7.66 1.01
C GLN C 135 -22.35 -7.02 1.67
N ASP C 136 -21.24 -7.77 1.81
CA ASP C 136 -20.00 -7.14 2.26
C ASP C 136 -19.35 -6.33 1.15
N TYR C 137 -19.55 -6.73 -0.12
CA TYR C 137 -19.14 -5.94 -1.27
C TYR C 137 -20.28 -5.13 -1.84
N LYS C 138 -21.18 -4.67 -0.98
CA LYS C 138 -22.21 -3.68 -1.30
C LYS C 138 -21.85 -2.40 -0.57
N TYR C 139 -21.56 -1.34 -1.31
CA TYR C 139 -21.06 -0.10 -0.75
C TYR C 139 -22.15 0.97 -0.80
N ASP C 140 -22.37 1.62 0.33
CA ASP C 140 -23.37 2.69 0.43
C ASP C 140 -22.70 3.98 0.88
N VAL C 141 -23.49 4.98 1.15
CA VAL C 141 -22.93 6.30 1.54
C VAL C 141 -22.10 6.18 2.83
N THR C 142 -22.50 5.36 3.78
CA THR C 142 -21.74 5.26 5.02
C THR C 142 -20.38 4.61 4.79
N ASP C 143 -20.31 3.64 3.87
CA ASP C 143 -19.02 3.05 3.53
C ASP C 143 -18.06 4.10 2.99
N VAL C 144 -18.56 5.00 2.14
CA VAL C 144 -17.70 6.05 1.59
C VAL C 144 -17.26 7.01 2.69
N SER C 145 -18.18 7.35 3.60
CA SER C 145 -17.80 8.22 4.71
C SER C 145 -16.76 7.56 5.60
N LYS C 146 -16.81 6.22 5.72
CA LYS C 146 -15.80 5.49 6.49
C LYS C 146 -14.48 5.34 5.74
N ALA C 147 -14.35 5.96 4.57
CA ALA C 147 -13.06 6.15 3.91
C ALA C 147 -12.56 7.58 4.07
N GLY C 148 -13.29 8.43 4.80
CA GLY C 148 -12.84 9.77 5.10
C GLY C 148 -13.57 10.87 4.38
N HIS C 149 -14.51 10.55 3.50
CA HIS C 149 -15.17 11.59 2.70
C HIS C 149 -16.45 12.06 3.38
N THR C 150 -16.78 13.33 3.11
CA THR C 150 -17.95 13.98 3.68
C THR C 150 -19.06 14.06 2.64
N LEU C 151 -20.24 14.51 3.10
CA LEU C 151 -21.38 14.61 2.20
C LEU C 151 -21.23 15.71 1.16
N GLU C 152 -20.28 16.63 1.34
CA GLU C 152 -19.98 17.60 0.30
C GLU C 152 -19.56 16.92 -1.00
N LEU C 153 -18.97 15.74 -0.91
CA LEU C 153 -18.68 14.91 -2.08
C LEU C 153 -19.71 13.83 -2.32
N ILE C 154 -20.18 13.18 -1.26
CA ILE C 154 -21.04 12.01 -1.43
C ILE C 154 -22.42 12.40 -1.95
N GLU C 155 -22.91 13.58 -1.55
CA GLU C 155 -24.24 14.00 -2.02
C GLU C 155 -24.21 14.20 -3.54
N PRO C 156 -23.33 15.04 -4.11
CA PRO C 156 -23.33 15.18 -5.57
C PRO C 156 -22.88 13.92 -6.28
N LEU C 157 -22.09 13.07 -5.62
CA LEU C 157 -21.69 11.80 -6.23
C LEU C 157 -22.91 10.92 -6.48
N ILE C 158 -23.76 10.76 -5.47
CA ILE C 158 -24.96 9.93 -5.63
C ILE C 158 -25.93 10.57 -6.61
N LYS C 159 -26.04 11.90 -6.54
CA LYS C 159 -26.90 12.62 -7.50
C LYS C 159 -26.43 12.27 -8.91
N PHE C 160 -25.11 12.37 -9.12
CA PHE C 160 -24.54 12.03 -10.42
C PHE C 160 -24.89 10.60 -10.83
N GLN C 161 -24.75 9.66 -9.90
CA GLN C 161 -25.02 8.25 -10.22
C GLN C 161 -26.48 8.05 -10.62
N VAL C 162 -27.39 8.71 -9.91
CA VAL C 162 -28.82 8.56 -10.22
C VAL C 162 -29.12 9.12 -11.60
N GLY C 163 -28.65 10.34 -11.87
CA GLY C 163 -28.91 10.95 -13.17
C GLY C 163 -28.29 10.20 -14.31
N LEU C 164 -27.09 9.65 -14.10
CA LEU C 164 -26.47 8.82 -15.13
C LEU C 164 -27.27 7.54 -15.36
N LYS C 165 -27.72 6.90 -14.27
CA LYS C 165 -28.52 5.69 -14.39
C LYS C 165 -29.80 5.96 -15.17
N LYS C 166 -30.40 7.14 -14.98
CA LYS C 166 -31.67 7.45 -15.63
C LYS C 166 -31.53 7.67 -17.12
N LEU C 167 -30.31 7.95 -17.61
CA LEU C 167 -30.11 8.06 -19.06
C LEU C 167 -30.26 6.71 -19.76
N ASN C 168 -30.16 5.61 -19.02
CA ASN C 168 -30.32 4.26 -19.57
C ASN C 168 -29.41 4.05 -20.78
N LEU C 169 -28.12 4.38 -20.60
CA LEU C 169 -27.17 4.33 -21.71
C LEU C 169 -26.97 2.89 -22.20
N HIS C 170 -26.81 2.75 -23.50
CA HIS C 170 -26.31 1.50 -24.05
C HIS C 170 -24.83 1.36 -23.69
N GLU C 171 -24.34 0.13 -23.70
CA GLU C 171 -22.92 -0.10 -23.43
C GLU C 171 -22.05 0.68 -24.41
N GLU C 172 -22.50 0.80 -25.66
CA GLU C 172 -21.75 1.57 -26.66
C GLU C 172 -21.60 3.02 -26.22
N GLU C 173 -22.67 3.63 -25.73
CA GLU C 173 -22.59 5.02 -25.27
C GLU C 173 -21.76 5.13 -24.00
N HIS C 174 -21.81 4.10 -23.15
CA HIS C 174 -21.03 4.11 -21.92
C HIS C 174 -19.52 4.10 -22.20
N VAL C 175 -19.07 3.23 -23.10
CA VAL C 175 -17.63 3.14 -23.36
C VAL C 175 -17.13 4.36 -24.13
N LEU C 176 -17.97 4.91 -25.02
CA LEU C 176 -17.56 6.13 -25.71
C LEU C 176 -17.39 7.28 -24.73
N LEU C 177 -18.29 7.39 -23.73
CA LEU C 177 -18.19 8.45 -22.75
C LEU C 177 -16.92 8.33 -21.91
N MET C 178 -16.59 7.11 -21.48
CA MET C 178 -15.35 6.93 -20.73
C MET C 178 -14.14 7.32 -21.57
N ALA C 179 -14.13 6.91 -22.84
CA ALA C 179 -13.01 7.25 -23.73
C ALA C 179 -12.92 8.75 -23.97
N ILE C 180 -14.06 9.39 -24.25
CA ILE C 180 -14.06 10.84 -24.45
C ILE C 180 -13.57 11.56 -23.20
N CYS C 181 -13.92 11.03 -22.03
CA CYS C 181 -13.52 11.69 -20.80
C CYS C 181 -12.01 11.60 -20.63
N ILE C 182 -11.41 10.49 -21.06
CA ILE C 182 -9.96 10.28 -20.92
C ILE C 182 -9.19 11.19 -21.87
N VAL C 183 -9.57 11.17 -23.16
N VAL C 183 -9.57 11.20 -23.16
CA VAL C 183 -8.86 11.94 -24.18
CA VAL C 183 -8.80 11.98 -24.12
C VAL C 183 -9.44 13.34 -24.23
C VAL C 183 -9.39 13.40 -24.21
N SER C 184 -9.19 14.14 -23.19
N SER C 184 -9.23 14.17 -23.13
CA SER C 184 -9.67 15.51 -23.11
CA SER C 184 -9.71 15.54 -23.12
C SER C 184 -8.53 16.46 -23.38
C SER C 184 -8.54 16.49 -23.36
N PRO C 185 -8.60 17.33 -24.41
CA PRO C 185 -7.48 18.23 -24.70
C PRO C 185 -7.32 19.36 -23.71
N ASP C 186 -8.30 19.59 -22.83
CA ASP C 186 -8.24 20.72 -21.90
C ASP C 186 -7.81 20.31 -20.50
N ARG C 187 -7.01 19.26 -20.39
CA ARG C 187 -6.42 18.95 -19.09
C ARG C 187 -5.12 19.73 -18.90
N PRO C 188 -4.83 20.22 -17.71
CA PRO C 188 -3.58 20.96 -17.51
C PRO C 188 -2.37 20.05 -17.73
N GLY C 189 -1.34 20.60 -18.37
CA GLY C 189 -0.13 19.87 -18.64
C GLY C 189 -0.07 19.16 -19.97
N VAL C 190 -1.18 19.12 -20.72
CA VAL C 190 -1.18 18.47 -22.03
C VAL C 190 -0.30 19.28 -22.98
N GLN C 191 0.59 18.60 -23.68
CA GLN C 191 1.50 19.28 -24.60
C GLN C 191 0.96 19.29 -26.03
N ASP C 192 0.46 18.14 -26.51
CA ASP C 192 -0.03 18.03 -27.88
C ASP C 192 -1.56 18.10 -27.89
N ALA C 193 -2.08 19.28 -27.53
CA ALA C 193 -3.52 19.45 -27.38
C ALA C 193 -4.26 19.16 -28.69
N LYS C 194 -3.67 19.51 -29.83
CA LYS C 194 -4.36 19.29 -31.10
C LYS C 194 -4.41 17.81 -31.47
N LEU C 195 -3.38 17.03 -31.11
CA LEU C 195 -3.44 15.60 -31.31
C LEU C 195 -4.52 14.96 -30.43
N VAL C 196 -4.54 15.34 -29.14
CA VAL C 196 -5.57 14.85 -28.23
C VAL C 196 -6.96 15.20 -28.74
N GLU C 197 -7.13 16.44 -29.20
CA GLU C 197 -8.42 16.87 -29.74
C GLU C 197 -8.82 16.07 -30.96
N ALA C 198 -7.84 15.71 -31.80
CA ALA C 198 -8.15 14.93 -33.00
C ALA C 198 -8.72 13.57 -32.64
N ILE C 199 -8.17 12.92 -31.62
CA ILE C 199 -8.73 11.64 -31.17
C ILE C 199 -10.12 11.86 -30.60
N GLN C 200 -10.27 12.83 -29.70
CA GLN C 200 -11.57 13.06 -29.06
C GLN C 200 -12.64 13.39 -30.08
N ASP C 201 -12.30 14.17 -31.10
CA ASP C 201 -13.27 14.51 -32.13
C ASP C 201 -13.78 13.26 -32.85
N ARG C 202 -12.90 12.30 -33.09
CA ARG C 202 -13.34 11.06 -33.74
C ARG C 202 -14.26 10.27 -32.82
N LEU C 203 -13.99 10.29 -31.51
CA LEU C 203 -14.87 9.59 -30.57
C LEU C 203 -16.21 10.31 -30.43
N SER C 204 -16.19 11.65 -30.40
N SER C 204 -16.19 11.65 -30.40
CA SER C 204 -17.43 12.40 -30.26
CA SER C 204 -17.42 12.41 -30.27
C SER C 204 -18.33 12.23 -31.49
C SER C 204 -18.32 12.24 -31.49
N ASN C 205 -17.73 12.29 -32.68
CA ASN C 205 -18.51 12.05 -33.90
C ASN C 205 -19.10 10.65 -33.92
N THR C 206 -18.35 9.66 -33.44
CA THR C 206 -18.87 8.30 -33.34
C THR C 206 -20.04 8.24 -32.38
N LEU C 207 -19.89 8.84 -31.20
CA LEU C 207 -20.99 8.90 -30.25
C LEU C 207 -22.14 9.69 -30.82
N GLN C 208 -21.84 10.83 -31.43
CA GLN C 208 -22.88 11.66 -32.02
C GLN C 208 -23.66 10.91 -33.09
N THR C 209 -22.98 10.05 -33.85
CA THR C 209 -23.66 9.29 -34.90
C THR C 209 -24.39 8.08 -34.35
N TYR C 210 -23.87 7.46 -33.29
CA TYR C 210 -24.57 6.34 -32.68
C TYR C 210 -25.93 6.76 -32.15
N ILE C 211 -25.96 7.93 -31.53
CA ILE C 211 -27.22 8.42 -30.91
C ILE C 211 -28.27 8.69 -31.99
N ARG C 212 -27.87 9.24 -33.11
CA ARG C 212 -28.81 9.55 -34.22
C ARG C 212 -29.42 8.27 -34.81
N CYS C 213 -28.67 7.17 -34.82
CA CYS C 213 -29.14 5.84 -35.27
C CYS C 213 -30.24 5.27 -34.36
N ARG C 214 -30.25 5.63 -33.08
CA ARG C 214 -31.24 5.12 -32.10
C ARG C 214 -32.37 6.12 -31.86
N HIS C 215 -32.13 7.42 -31.99
CA HIS C 215 -33.13 8.43 -31.65
C HIS C 215 -33.25 9.51 -32.71
N PRO C 216 -34.48 9.88 -33.11
CA PRO C 216 -34.65 11.00 -34.03
C PRO C 216 -34.45 12.32 -33.30
N PRO C 217 -34.26 13.42 -34.03
CA PRO C 217 -34.26 14.73 -33.37
C PRO C 217 -35.67 15.10 -32.94
N PRO C 218 -35.82 15.93 -31.89
CA PRO C 218 -34.75 16.57 -31.11
C PRO C 218 -34.23 15.71 -29.96
N GLY C 219 -34.85 14.54 -29.74
CA GLY C 219 -34.41 13.68 -28.65
C GLY C 219 -32.94 13.29 -28.77
N SER C 220 -32.44 13.18 -29.97
CA SER C 220 -31.01 12.80 -30.17
C SER C 220 -30.09 13.84 -29.51
N HIS C 221 -30.35 15.11 -29.77
CA HIS C 221 -29.46 16.15 -29.25
C HIS C 221 -29.69 16.41 -27.78
N GLN C 222 -30.92 16.19 -27.31
CA GLN C 222 -31.17 16.29 -25.87
C GLN C 222 -30.37 15.24 -25.11
N LEU C 223 -30.29 14.01 -25.64
CA LEU C 223 -29.50 12.98 -24.97
C LEU C 223 -28.01 13.28 -25.03
N TYR C 224 -27.52 13.72 -26.18
CA TYR C 224 -26.09 14.06 -26.29
C TYR C 224 -25.75 15.22 -25.36
N ALA C 225 -26.62 16.23 -25.28
CA ALA C 225 -26.38 17.33 -24.37
C ALA C 225 -26.32 16.87 -22.92
N LYS C 226 -27.19 15.91 -22.55
CA LYS C 226 -27.15 15.38 -21.20
C LYS C 226 -25.87 14.62 -20.93
N MET C 227 -25.30 13.95 -21.94
CA MET C 227 -24.05 13.25 -21.76
C MET C 227 -22.88 14.22 -21.60
N ILE C 228 -22.90 15.33 -22.35
CA ILE C 228 -21.84 16.32 -22.20
C ILE C 228 -21.94 17.01 -20.84
N GLN C 229 -23.17 17.24 -20.37
CA GLN C 229 -23.36 17.81 -19.04
C GLN C 229 -22.77 16.89 -17.97
N LYS C 230 -22.93 15.58 -18.14
CA LYS C 230 -22.35 14.64 -17.19
C LYS C 230 -20.82 14.73 -17.17
N LEU C 231 -20.20 15.06 -18.31
CA LEU C 231 -18.76 15.27 -18.33
C LEU C 231 -18.37 16.53 -17.56
N ALA C 232 -19.19 17.58 -17.66
CA ALA C 232 -18.94 18.79 -16.88
C ALA C 232 -19.15 18.53 -15.39
N ASP C 233 -20.18 17.75 -15.05
CA ASP C 233 -20.39 17.37 -13.65
C ASP C 233 -19.17 16.66 -13.09
N LEU C 234 -18.52 15.82 -13.90
CA LEU C 234 -17.38 15.05 -13.42
C LEU C 234 -16.20 15.95 -13.07
N ARG C 235 -16.02 17.05 -13.81
CA ARG C 235 -14.97 18.01 -13.45
C ARG C 235 -15.19 18.56 -12.06
N SER C 236 -16.45 18.89 -11.72
CA SER C 236 -16.75 19.41 -10.39
C SER C 236 -16.54 18.35 -9.32
N LEU C 237 -16.96 17.10 -9.61
CA LEU C 237 -16.70 16.01 -8.68
C LEU C 237 -15.20 15.76 -8.54
N ASN C 238 -14.46 15.91 -9.65
CA ASN C 238 -13.00 15.80 -9.61
C ASN C 238 -12.41 16.83 -8.65
N GLU C 239 -12.82 18.10 -8.80
CA GLU C 239 -12.25 19.16 -7.96
C GLU C 239 -12.57 18.94 -6.49
N GLU C 240 -13.82 18.56 -6.17
CA GLU C 240 -14.15 18.32 -4.78
C GLU C 240 -13.42 17.10 -4.22
N HIS C 241 -13.28 16.04 -5.02
CA HIS C 241 -12.51 14.90 -4.55
C HIS C 241 -11.05 15.27 -4.32
N SER C 242 -10.48 16.08 -5.21
N SER C 242 -10.48 16.07 -5.21
CA SER C 242 -9.09 16.51 -5.05
CA SER C 242 -9.09 16.50 -5.05
C SER C 242 -8.88 17.21 -3.72
C SER C 242 -8.88 17.21 -3.71
N LYS C 243 -9.78 18.13 -3.36
CA LYS C 243 -9.66 18.84 -2.09
C LYS C 243 -9.71 17.89 -0.92
N GLN C 244 -10.69 16.97 -0.91
CA GLN C 244 -10.82 16.04 0.20
C GLN C 244 -9.66 15.05 0.24
N TYR C 245 -9.23 14.55 -0.92
CA TYR C 245 -8.08 13.66 -0.95
C TYR C 245 -6.83 14.34 -0.42
N ARG C 246 -6.60 15.58 -0.85
CA ARG C 246 -5.45 16.36 -0.36
C ARG C 246 -5.50 16.52 1.16
N SER C 247 -6.69 16.79 1.71
N SER C 247 -6.68 16.78 1.70
CA SER C 247 -6.81 16.92 3.15
CA SER C 247 -6.82 16.93 3.16
C SER C 247 -6.58 15.58 3.85
C SER C 247 -6.59 15.60 3.86
N LEU C 248 -7.13 14.51 3.30
CA LEU C 248 -6.97 13.20 3.92
C LEU C 248 -5.52 12.71 3.85
N SER C 249 -4.92 12.75 2.66
CA SER C 249 -3.59 12.22 2.48
C SER C 249 -2.52 13.07 3.15
N PHE C 250 -2.85 14.31 3.53
CA PHE C 250 -1.90 15.13 4.28
C PHE C 250 -1.58 14.53 5.63
N GLN C 251 -2.52 13.78 6.21
CA GLN C 251 -2.30 13.05 7.45
C GLN C 251 -1.53 11.77 7.18
N PRO C 252 -0.28 11.67 7.64
CA PRO C 252 0.53 10.47 7.33
C PRO C 252 -0.11 9.16 7.75
N GLU C 253 -0.87 9.14 8.86
CA GLU C 253 -1.55 7.92 9.25
C GLU C 253 -2.63 7.51 8.25
N ASN C 254 -3.13 8.47 7.45
CA ASN C 254 -4.07 8.14 6.39
C ASN C 254 -3.35 7.66 5.14
N SER C 255 -2.33 8.40 4.72
N SER C 255 -2.32 8.40 4.71
CA SER C 255 -1.53 8.00 3.56
CA SER C 255 -1.56 7.97 3.54
C SER C 255 -0.92 6.63 3.77
C SER C 255 -0.91 6.62 3.76
N MET C 256 -0.65 6.26 5.02
N MET C 256 -0.65 6.26 5.02
CA MET C 256 -0.15 4.92 5.32
CA MET C 256 -0.16 4.92 5.35
C MET C 256 -1.10 3.84 4.85
C MET C 256 -1.10 3.84 4.85
N LYS C 257 -2.41 4.11 4.87
CA LYS C 257 -3.42 3.13 4.50
C LYS C 257 -3.69 3.07 3.00
N LEU C 258 -3.11 3.98 2.21
CA LEU C 258 -3.33 4.00 0.77
C LEU C 258 -2.41 2.95 0.12
N THR C 259 -2.36 2.95 -1.20
CA THR C 259 -1.46 2.08 -1.94
C THR C 259 -0.42 2.92 -2.66
N PRO C 260 0.71 2.31 -3.06
CA PRO C 260 1.70 3.08 -3.83
C PRO C 260 1.16 3.63 -5.14
N LEU C 261 0.31 2.86 -5.85
CA LEU C 261 -0.24 3.35 -7.11
C LEU C 261 -1.16 4.53 -6.88
N VAL C 262 -1.96 4.50 -5.82
CA VAL C 262 -2.83 5.62 -5.51
C VAL C 262 -2.02 6.87 -5.20
N LEU C 263 -0.96 6.71 -4.38
CA LEU C 263 -0.14 7.87 -4.03
C LEU C 263 0.54 8.45 -5.26
N GLU C 264 1.00 7.60 -6.17
CA GLU C 264 1.67 8.09 -7.36
C GLU C 264 0.71 8.80 -8.30
N VAL C 265 -0.43 8.17 -8.59
CA VAL C 265 -1.33 8.70 -9.61
C VAL C 265 -2.10 9.92 -9.10
N PHE C 266 -2.58 9.89 -7.87
CA PHE C 266 -3.31 11.02 -7.30
C PHE C 266 -2.40 12.08 -6.71
N GLY C 267 -1.08 11.94 -6.86
CA GLY C 267 -0.13 12.76 -6.14
C GLY C 267 0.37 13.96 -6.94
N ASN C 268 1.02 14.88 -6.21
CA ASN C 268 1.52 16.14 -6.73
C ASN C 268 0.40 16.96 -7.35
N LYS D 1 7.49 14.04 -9.83
CA LYS D 1 7.67 14.14 -11.28
C LYS D 1 7.68 12.77 -11.93
N ASN D 2 8.33 11.81 -11.28
CA ASN D 2 8.47 10.48 -11.85
C ASN D 2 7.23 9.65 -11.56
N HIS D 3 6.81 8.86 -12.55
CA HIS D 3 5.65 7.98 -12.43
C HIS D 3 6.00 6.57 -12.90
N PRO D 4 6.96 5.93 -12.23
CA PRO D 4 7.44 4.63 -12.74
C PRO D 4 6.38 3.55 -12.72
N MET D 5 5.48 3.53 -11.73
CA MET D 5 4.44 2.51 -11.71
C MET D 5 3.42 2.77 -12.82
N LEU D 6 2.99 4.01 -12.98
CA LEU D 6 2.10 4.36 -14.09
C LEU D 6 2.78 4.11 -15.42
N MET D 7 4.03 4.57 -15.57
CA MET D 7 4.79 4.28 -16.77
C MET D 7 4.81 2.79 -17.06
N ASN D 8 5.15 1.98 -16.04
CA ASN D 8 5.25 0.54 -16.23
C ASN D 8 3.92 -0.06 -16.70
N LEU D 9 2.80 0.41 -16.14
CA LEU D 9 1.51 -0.11 -16.56
C LEU D 9 1.15 0.31 -17.98
N LEU D 10 1.71 1.43 -18.44
CA LEU D 10 1.47 1.88 -19.82
C LEU D 10 2.37 1.17 -20.83
N LYS D 11 3.51 0.61 -20.41
CA LYS D 11 4.38 -0.16 -21.29
C LYS D 11 3.96 -1.64 -21.35
C10 A1L7Z E . 10.51 -10.87 5.82
C13 A1L7Z E . 8.13 -12.30 5.64
C15 A1L7Z E . 7.72 -15.29 7.39
C20 A1L7Z E . 3.57 -10.05 14.52
C21 A1L7Z E . 3.09 -9.88 15.98
C22 A1L7Z E . 2.86 -8.40 16.36
C24 A1L7Z E . 9.91 -8.37 1.82
C26 A1L7Z E . 9.56 -7.05 2.50
C28 A1L7Z E . 8.04 -6.89 2.62
C01 A1L7Z E . 6.97 -11.12 10.82
C02 A1L7Z E . 6.35 -11.98 11.70
C03 A1L7Z E . 6.45 -13.36 11.49
C04 A1L7Z E . 7.13 -13.89 10.41
C05 A1L7Z E . 7.76 -13.04 9.53
C06 A1L7Z E . 7.69 -11.65 9.73
C08 A1L7Z E . 9.02 -12.54 6.69
C09 A1L7Z E . 10.21 -11.82 6.78
C11 A1L7Z E . 9.63 -10.62 4.77
C12 A1L7Z E . 8.44 -11.32 4.67
C14 A1L7Z E . 10.38 -14.43 8.73
C18 A1L7Z E . 5.66 -10.15 13.05
C19 A1L7Z E . 5.06 -9.74 14.42
C23 A1L7Z E . 9.35 -9.56 2.61
C25 A1L7Z E . 9.32 -8.41 0.40
C27 A1L7Z E . 9.94 -7.30 -0.47
C31 A1L7Z E . 5.75 -14.28 12.42
C32 A1L7Z E . 11.82 -10.10 5.91
C35 A1L7Z E . 12.94 -10.97 5.36
C36 A1L7Z E . 4.44 -14.33 11.66
O16 A1L7Z E . 10.03 -9.61 3.83
O17 A1L7Z E . 5.61 -11.54 12.82
O29 A1L7Z E . 11.31 -8.46 1.77
O30 A1L7Z E . 1.80 -8.05 16.93
O33 A1L7Z E . 3.75 -7.53 16.12
O34 A1L7Z E . 5.20 -8.35 14.53
SI07 A1L7Z E . 8.71 -13.83 8.07
C10 A1L7Z F . -13.89 6.73 -4.51
C13 A1L7Z F . -14.73 4.52 -3.04
C15 A1L7Z F . -17.86 3.13 -3.39
C20 A1L7Z F . -14.33 -2.42 -10.58
C21 A1L7Z F . -14.66 -3.50 -11.61
C22 A1L7Z F . -13.50 -3.78 -12.58
C24 A1L7Z F . -10.28 7.77 -1.56
C26 A1L7Z F . -9.19 7.31 -2.53
C28 A1L7Z F . -8.73 5.90 -2.21
C01 A1L7Z F . -14.92 1.77 -7.82
C02 A1L7Z F . -15.86 0.81 -8.16
C03 A1L7Z F . -17.09 0.80 -7.52
C04 A1L7Z F . -17.42 1.71 -6.53
C05 A1L7Z F . -16.48 2.67 -6.18
C06 A1L7Z F . -15.24 2.71 -6.83
C08 A1L7Z F . -15.41 4.90 -4.19
C09 A1L7Z F . -15.01 6.00 -4.93
C11 A1L7Z F . -13.20 6.36 -3.37
C12 A1L7Z F . -13.61 5.25 -2.62
C14 A1L7Z F . -18.07 5.22 -5.65
C18 A1L7Z F . -14.59 0.09 -10.11
C19 A1L7Z F . -14.58 -1.02 -11.18
C23 A1L7Z F . -11.55 6.90 -1.72
C25 A1L7Z F . -9.80 7.63 -0.10
C27 A1L7Z F . -8.69 8.65 0.19
C31 A1L7Z F . -18.09 -0.27 -7.90
C32 A1L7Z F . -13.44 7.93 -5.32
C35 A1L7Z F . -14.34 9.11 -4.96
C36 A1L7Z F . -17.43 -1.52 -7.36
O16 A1L7Z F . -12.07 7.15 -3.00
O17 A1L7Z F . -15.59 -0.18 -9.17
O29 A1L7Z F . -10.59 9.11 -1.86
O30 A1L7Z F . -12.88 -2.83 -13.12
O33 A1L7Z F . -13.16 -4.97 -12.85
O34 A1L7Z F . -13.55 -0.74 -12.09
SI07 A1L7Z F . -16.96 3.95 -4.82
#